data_3EHQ
#
_entry.id   3EHQ
#
_cell.length_a   48.057
_cell.length_b   56.860
_cell.length_c   170.125
_cell.angle_alpha   90.00
_cell.angle_beta   90.00
_cell.angle_gamma   90.00
#
_symmetry.space_group_name_H-M   'P 21 21 21'
#
loop_
_entity.id
_entity.type
_entity.pdbx_description
1 polymer 'Osteoclast-stimulating factor 1'
2 non-polymer 1,2-ETHANEDIOL
3 water water
#
_entity_poly.entity_id   1
_entity_poly.type   'polypeptide(L)'
_entity_poly.pdbx_seq_one_letter_code
;MSKPPPKPVKPGQVKVFRALYTFEPRTPDELYIEEGDIIYITD(MSE)SDTNWWKGTSKGRTGLIPSNYVAEQAESIDNP
LHEAAKRGNLSWLRECLDNRVGVNGLDKAGSTALYWACHGGHKDIVE(MSE)LFTQPNIELNQQNKLGDTALHAAAWKGY
ADIVQLLLAKGARTDLRNIEKKLAFD(MSE)ATNAACASLLKKKQGTDAVRTLSNAEDYLDDEDSDLEHHHHHH
;
_entity_poly.pdbx_strand_id   A,B
#
loop_
_chem_comp.id
_chem_comp.type
_chem_comp.name
_chem_comp.formula
EDO non-polymer 1,2-ETHANEDIOL 'C2 H6 O2'
#
# COMPACT_ATOMS: atom_id res chain seq x y z
N GLY A 12 30.99 3.89 -13.17
CA GLY A 12 30.61 3.02 -12.03
C GLY A 12 29.24 3.34 -11.43
N GLN A 13 28.56 2.30 -10.94
CA GLN A 13 27.24 2.44 -10.33
C GLN A 13 27.37 2.77 -8.84
N VAL A 14 26.45 3.61 -8.35
CA VAL A 14 26.47 4.08 -6.97
C VAL A 14 25.92 2.99 -6.03
N LYS A 15 26.64 2.72 -4.95
CA LYS A 15 26.21 1.74 -3.96
C LYS A 15 25.93 2.41 -2.62
N VAL A 16 24.86 1.99 -1.96
CA VAL A 16 24.38 2.71 -0.79
C VAL A 16 24.56 1.86 0.46
N PHE A 17 24.90 2.51 1.57
CA PHE A 17 25.13 1.83 2.83
C PHE A 17 24.60 2.63 4.01
N ARG A 18 24.40 1.95 5.12
CA ARG A 18 24.08 2.62 6.38
C ARG A 18 25.21 2.41 7.36
N ALA A 19 25.63 3.50 8.00
CA ALA A 19 26.71 3.46 8.98
C ALA A 19 26.23 2.81 10.27
N LEU A 20 26.94 1.78 10.71
CA LEU A 20 26.59 1.08 11.94
C LEU A 20 27.40 1.66 13.09
N TYR A 21 28.56 2.24 12.77
CA TYR A 21 29.42 2.88 13.77
C TYR A 21 29.92 4.21 13.26
N THR A 22 30.54 4.98 14.14
CA THR A 22 31.05 6.31 13.77
C THR A 22 32.49 6.22 13.25
N PHE A 23 32.76 6.99 12.20
CA PHE A 23 34.11 7.11 11.66
C PHE A 23 34.61 8.55 11.76
N GLU A 24 35.67 8.75 12.56
CA GLU A 24 36.38 10.05 12.62
C GLU A 24 37.48 10.13 11.57
N PRO A 25 37.47 11.19 10.75
CA PRO A 25 38.53 11.40 9.75
C PRO A 25 39.89 11.63 10.42
N ARG A 26 40.93 11.01 9.88
CA ARG A 26 42.30 11.24 10.36
C ARG A 26 43.06 12.26 9.50
N THR A 27 42.65 12.43 8.23
CA THR A 27 43.17 13.47 7.33
C THR A 27 42.03 14.45 6.94
N PRO A 28 42.37 15.61 6.32
CA PRO A 28 41.29 16.56 5.94
C PRO A 28 40.48 16.12 4.72
N ASP A 29 41.04 15.25 3.89
CA ASP A 29 40.36 14.72 2.71
C ASP A 29 39.43 13.55 3.04
N GLU A 30 39.44 13.12 4.30
CA GLU A 30 38.61 12.01 4.76
C GLU A 30 37.22 12.42 5.24
N LEU A 31 36.28 11.50 5.07
CA LEU A 31 34.87 11.76 5.30
C LEU A 31 34.50 11.42 6.73
N TYR A 32 33.71 12.29 7.34
CA TYR A 32 33.17 12.04 8.67
C TYR A 32 31.75 11.46 8.57
N ILE A 33 31.50 10.42 9.37
CA ILE A 33 30.24 9.65 9.32
C ILE A 33 29.78 9.24 10.73
N GLU A 34 28.51 9.53 11.07
CA GLU A 34 27.90 9.11 12.34
C GLU A 34 27.12 7.81 12.22
N GLU A 35 27.00 7.06 13.32
CA GLU A 35 26.18 5.85 13.35
C GLU A 35 24.77 6.14 12.86
N GLY A 36 24.28 5.34 11.92
CA GLY A 36 22.93 5.50 11.37
C GLY A 36 22.85 6.31 10.09
N ASP A 37 23.89 7.10 9.84
CA ASP A 37 24.00 7.88 8.60
C ASP A 37 24.07 7.03 7.33
N ILE A 38 23.60 7.62 6.24
CA ILE A 38 23.57 6.96 4.95
C ILE A 38 24.76 7.40 4.11
N ILE A 39 25.46 6.42 3.54
CA ILE A 39 26.69 6.65 2.79
C ILE A 39 26.50 6.26 1.32
N TYR A 40 26.88 7.16 0.42
CA TYR A 40 26.80 6.94 -1.01
C TYR A 40 28.19 6.80 -1.63
N ILE A 41 28.55 5.55 -1.98
CA ILE A 41 29.87 5.21 -2.52
C ILE A 41 29.92 5.37 -4.05
N THR A 42 30.74 6.30 -4.51
CA THR A 42 30.80 6.62 -5.92
C THR A 42 32.00 6.03 -6.67
N ASP A 43 33.08 5.73 -5.96
CA ASP A 43 34.29 5.25 -6.61
C ASP A 43 34.95 4.12 -5.84
N MSE A 44 34.97 2.94 -6.43
CA MSE A 44 35.47 1.75 -5.78
C MSE A 44 36.73 1.19 -6.42
O MSE A 44 37.15 0.07 -6.10
CB MSE A 44 34.39 0.69 -5.75
CG MSE A 44 33.33 0.92 -4.70
SE MSE A 44 32.05 -0.54 -4.70
CE MSE A 44 30.99 0.03 -6.25
N SER A 45 37.33 1.97 -7.33
CA SER A 45 38.52 1.53 -8.07
C SER A 45 39.73 1.22 -7.17
N ASP A 46 40.06 2.12 -6.25
CA ASP A 46 41.12 1.83 -5.30
C ASP A 46 40.73 0.68 -4.38
N THR A 47 41.72 -0.15 -4.04
CA THR A 47 41.52 -1.30 -3.14
C THR A 47 41.06 -0.83 -1.76
N ASN A 48 41.81 0.11 -1.18
CA ASN A 48 41.67 0.49 0.22
C ASN A 48 40.79 1.71 0.53
N TRP A 49 40.74 2.64 -0.42
CA TRP A 49 40.08 3.92 -0.20
C TRP A 49 38.96 4.17 -1.19
N TRP A 50 37.76 4.39 -0.65
CA TRP A 50 36.60 4.67 -1.48
C TRP A 50 36.21 6.14 -1.39
N LYS A 51 35.70 6.68 -2.50
CA LYS A 51 35.12 8.04 -2.53
C LYS A 51 33.62 7.95 -2.32
N GLY A 52 33.11 8.79 -1.43
CA GLY A 52 31.70 8.78 -1.12
C GLY A 52 31.14 10.09 -0.61
N THR A 53 29.81 10.14 -0.53
CA THR A 53 29.11 11.26 0.04
C THR A 53 28.38 10.79 1.28
N SER A 54 28.31 11.66 2.28
CA SER A 54 27.49 11.40 3.46
C SER A 54 27.09 12.73 4.06
N LYS A 55 25.79 12.85 4.36
CA LYS A 55 25.16 14.12 4.75
C LYS A 55 25.62 15.37 3.95
N GLY A 56 25.66 15.27 2.63
CA GLY A 56 26.03 16.40 1.77
C GLY A 56 27.51 16.64 1.53
N ARG A 57 28.36 16.07 2.38
CA ARG A 57 29.82 16.21 2.25
C ARG A 57 30.43 15.05 1.43
N THR A 58 31.47 15.36 0.65
CA THR A 58 32.23 14.37 -0.13
C THR A 58 33.66 14.20 0.40
N GLY A 59 34.08 12.95 0.61
CA GLY A 59 35.41 12.64 1.13
C GLY A 59 35.89 11.24 0.81
N LEU A 60 36.92 10.79 1.55
CA LEU A 60 37.44 9.42 1.44
C LEU A 60 37.08 8.59 2.65
N ILE A 61 36.84 7.31 2.43
CA ILE A 61 36.39 6.39 3.47
C ILE A 61 36.94 5.00 3.17
N PRO A 62 37.61 4.35 4.15
CA PRO A 62 38.25 3.06 3.87
C PRO A 62 37.26 1.97 3.50
N SER A 63 37.56 1.24 2.43
CA SER A 63 36.70 0.15 1.96
C SER A 63 36.43 -0.80 3.12
N ASN A 64 37.40 -0.92 4.00
CA ASN A 64 37.32 -1.80 5.15
C ASN A 64 36.30 -1.35 6.21
N TYR A 65 36.16 -0.04 6.42
CA TYR A 65 35.13 0.46 7.31
C TYR A 65 33.75 0.12 6.73
N VAL A 66 33.62 0.33 5.42
CA VAL A 66 32.38 0.05 4.70
C VAL A 66 32.02 -1.44 4.78
N ALA A 67 33.01 -2.31 4.57
CA ALA A 67 32.80 -3.75 4.67
C ALA A 67 32.40 -4.25 6.08
N GLU A 68 32.86 -3.57 7.13
CA GLU A 68 32.78 -4.11 8.49
C GLU A 68 31.92 -3.34 9.48
N GLN A 69 31.72 -2.05 9.25
CA GLN A 69 31.02 -1.18 10.18
C GLN A 69 29.89 -0.45 9.47
N ALA A 70 29.50 -1.03 8.34
CA ALA A 70 28.40 -0.50 7.54
C ALA A 70 27.65 -1.65 6.88
N GLU A 71 26.52 -1.30 6.27
CA GLU A 71 25.46 -2.23 5.94
C GLU A 71 24.98 -1.91 4.54
N SER A 72 25.12 -2.85 3.62
CA SER A 72 24.74 -2.58 2.22
C SER A 72 23.21 -2.59 2.04
N ILE A 73 22.71 -1.49 1.48
CA ILE A 73 21.27 -1.38 1.17
C ILE A 73 21.09 -1.59 -0.34
N ASP A 74 20.39 -2.66 -0.67
CA ASP A 74 20.29 -3.14 -2.06
C ASP A 74 19.42 -2.28 -2.98
N ASN A 75 18.28 -1.83 -2.47
CA ASN A 75 17.34 -1.05 -3.27
C ASN A 75 16.89 0.18 -2.46
N PRO A 76 17.82 1.14 -2.25
CA PRO A 76 17.51 2.25 -1.37
C PRO A 76 16.34 3.07 -1.88
N LEU A 77 16.26 3.24 -3.20
CA LEU A 77 15.19 4.04 -3.80
C LEU A 77 13.81 3.39 -3.58
N HIS A 78 13.76 2.07 -3.77
CA HIS A 78 12.55 1.28 -3.56
C HIS A 78 12.08 1.39 -2.12
N GLU A 79 13.03 1.22 -1.20
CA GLU A 79 12.81 1.24 0.24
C GLU A 79 12.24 2.60 0.68
N ALA A 80 12.87 3.68 0.21
CA ALA A 80 12.38 5.02 0.53
C ALA A 80 10.93 5.16 0.05
N ALA A 81 10.67 4.74 -1.19
CA ALA A 81 9.33 4.80 -1.76
C ALA A 81 8.28 4.05 -0.89
N LYS A 82 8.52 2.78 -0.61
CA LYS A 82 7.65 1.96 0.24
C LYS A 82 7.24 2.59 1.58
N ARG A 83 8.18 3.30 2.20
CA ARG A 83 8.01 3.82 3.54
C ARG A 83 7.53 5.27 3.57
N GLY A 84 7.32 5.85 2.39
CA GLY A 84 6.81 7.22 2.27
C GLY A 84 7.85 8.24 2.66
N ASN A 85 9.11 7.89 2.49
CA ASN A 85 10.24 8.72 2.87
C ASN A 85 10.67 9.61 1.73
N LEU A 86 10.03 10.76 1.60
CA LEU A 86 10.33 11.64 0.50
C LEU A 86 11.78 12.14 0.56
N SER A 87 12.25 12.51 1.76
CA SER A 87 13.58 13.10 1.96
C SER A 87 14.71 12.22 1.49
N TRP A 88 14.65 10.95 1.89
CA TRP A 88 15.66 9.97 1.54
C TRP A 88 15.62 9.64 0.05
N LEU A 89 14.41 9.56 -0.49
CA LEU A 89 14.26 9.35 -1.92
C LEU A 89 14.96 10.49 -2.63
N ARG A 90 14.68 11.73 -2.20
CA ARG A 90 15.30 12.92 -2.77
C ARG A 90 16.83 12.86 -2.63
N GLU A 91 17.30 12.38 -1.49
CA GLU A 91 18.73 12.23 -1.26
C GLU A 91 19.32 11.17 -2.19
N CYS A 92 18.59 10.07 -2.39
CA CYS A 92 19.04 9.02 -3.31
C CYS A 92 19.18 9.55 -4.73
N LEU A 93 18.14 10.24 -5.19
CA LEU A 93 18.14 10.85 -6.52
C LEU A 93 19.25 11.90 -6.70
N ASP A 94 19.44 12.76 -5.72
CA ASP A 94 20.55 13.72 -5.79
C ASP A 94 21.90 13.02 -5.88
N ASN A 95 22.03 11.84 -5.28
CA ASN A 95 23.28 11.08 -5.31
C ASN A 95 23.36 10.04 -6.42
N ARG A 96 22.54 10.27 -7.45
CA ARG A 96 22.65 9.58 -8.73
C ARG A 96 22.40 8.07 -8.64
N VAL A 97 21.55 7.67 -7.69
CA VAL A 97 20.99 6.32 -7.64
C VAL A 97 20.04 6.19 -8.83
N GLY A 98 20.13 5.08 -9.56
CA GLY A 98 19.35 4.86 -10.78
C GLY A 98 17.86 4.75 -10.52
N VAL A 99 17.07 5.53 -11.25
CA VAL A 99 15.60 5.50 -11.15
C VAL A 99 14.96 4.21 -11.66
N ASN A 100 15.65 3.49 -12.55
CA ASN A 100 15.00 2.35 -13.23
C ASN A 100 15.52 1.00 -12.77
N GLY A 101 16.25 1.03 -11.65
CA GLY A 101 16.68 -0.19 -11.00
C GLY A 101 15.50 -1.09 -10.61
N LEU A 102 15.65 -2.38 -10.84
CA LEU A 102 14.60 -3.34 -10.55
C LEU A 102 14.93 -4.06 -9.29
N ASP A 103 13.92 -4.30 -8.44
CA ASP A 103 14.13 -5.10 -7.23
C ASP A 103 14.04 -6.61 -7.50
N LYS A 104 14.01 -7.42 -6.46
CA LYS A 104 13.99 -8.86 -6.65
C LYS A 104 12.68 -9.34 -7.32
N ALA A 105 11.68 -8.47 -7.38
CA ALA A 105 10.39 -8.87 -7.92
C ALA A 105 10.19 -8.21 -9.27
N GLY A 106 11.23 -7.53 -9.73
CA GLY A 106 11.20 -6.84 -11.00
C GLY A 106 10.51 -5.48 -10.99
N SER A 107 10.19 -4.99 -9.80
CA SER A 107 9.48 -3.73 -9.66
C SER A 107 10.43 -2.55 -9.55
N THR A 108 9.99 -1.39 -10.02
CA THR A 108 10.76 -0.15 -9.93
C THR A 108 10.34 0.65 -8.71
N ALA A 109 11.11 1.68 -8.38
CA ALA A 109 10.73 2.61 -7.31
C ALA A 109 9.36 3.22 -7.61
N LEU A 110 9.14 3.58 -8.88
CA LEU A 110 7.85 4.12 -9.34
C LEU A 110 6.70 3.15 -9.06
N TYR A 111 6.93 1.86 -9.30
CA TYR A 111 5.92 0.85 -9.01
C TYR A 111 5.49 0.92 -7.55
N TRP A 112 6.47 0.93 -6.64
CA TRP A 112 6.20 1.00 -5.21
C TRP A 112 5.52 2.28 -4.75
N ALA A 113 5.92 3.40 -5.34
CA ALA A 113 5.36 4.69 -4.95
C ALA A 113 3.89 4.77 -5.37
N CYS A 114 3.59 4.23 -6.55
CA CYS A 114 2.22 4.13 -7.02
C CYS A 114 1.42 3.11 -6.19
N HIS A 115 2.06 1.98 -5.91
CA HIS A 115 1.45 0.89 -5.15
C HIS A 115 1.02 1.36 -3.75
N GLY A 116 1.68 2.40 -3.25
CA GLY A 116 1.45 2.92 -1.90
C GLY A 116 0.71 4.25 -1.88
N GLY A 117 0.41 4.78 -3.06
CA GLY A 117 -0.40 5.99 -3.16
C GLY A 117 0.28 7.26 -2.70
N HIS A 118 1.62 7.29 -2.77
CA HIS A 118 2.40 8.47 -2.38
C HIS A 118 2.52 9.45 -3.54
N LYS A 119 1.63 10.44 -3.57
CA LYS A 119 1.60 11.42 -4.66
C LYS A 119 2.91 12.22 -4.82
N ASP A 120 3.48 12.67 -3.71
CA ASP A 120 4.75 13.40 -3.72
C ASP A 120 5.87 12.60 -4.33
N ILE A 121 6.02 11.38 -3.84
CA ILE A 121 7.08 10.52 -4.33
C ILE A 121 6.88 10.30 -5.83
N VAL A 122 5.63 10.08 -6.24
CA VAL A 122 5.31 9.84 -7.64
C VAL A 122 5.68 11.07 -8.45
N GLU A 123 5.17 12.23 -8.06
CA GLU A 123 5.47 13.44 -8.80
C GLU A 123 6.96 13.73 -8.87
N MSE A 124 7.67 13.37 -7.80
CA MSE A 124 9.11 13.51 -7.75
C MSE A 124 9.86 12.60 -8.71
O MSE A 124 10.75 13.05 -9.43
CB MSE A 124 9.59 13.27 -6.35
CG MSE A 124 9.95 14.56 -5.71
SE MSE A 124 11.84 14.68 -5.91
CE MSE A 124 12.21 13.44 -4.45
N LEU A 125 9.50 11.31 -8.74
CA LEU A 125 10.08 10.42 -9.71
C LEU A 125 9.79 10.92 -11.15
N PHE A 126 8.62 11.54 -11.35
CA PHE A 126 8.28 12.09 -12.67
C PHE A 126 9.23 13.19 -13.16
N THR A 127 9.85 13.93 -12.25
CA THR A 127 10.78 15.00 -12.64
C THR A 127 12.15 14.47 -13.05
N GLN A 128 12.35 13.16 -12.96
CA GLN A 128 13.64 12.56 -13.20
C GLN A 128 13.79 12.19 -14.68
N PRO A 129 14.99 12.41 -15.25
CA PRO A 129 15.23 12.03 -16.63
C PRO A 129 15.20 10.51 -16.76
N ASN A 130 14.71 10.03 -17.91
CA ASN A 130 14.71 8.61 -18.27
C ASN A 130 13.82 7.67 -17.44
N ILE A 131 12.90 8.24 -16.67
CA ILE A 131 11.99 7.45 -15.81
C ILE A 131 11.13 6.51 -16.67
N GLU A 132 11.21 5.21 -16.40
CA GLU A 132 10.46 4.22 -17.16
C GLU A 132 9.07 3.99 -16.53
N LEU A 133 8.03 4.40 -17.27
CA LEU A 133 6.65 4.27 -16.83
C LEU A 133 6.03 2.88 -17.04
N ASN A 134 6.58 2.13 -18.00
CA ASN A 134 5.89 0.96 -18.53
C ASN A 134 6.53 -0.37 -18.13
N GLN A 135 7.50 -0.31 -17.23
CA GLN A 135 8.19 -1.50 -16.80
C GLN A 135 7.18 -2.47 -16.19
N GLN A 136 7.30 -3.74 -16.57
CA GLN A 136 6.47 -4.79 -16.03
C GLN A 136 7.34 -5.59 -15.10
N ASN A 137 6.77 -6.00 -13.98
CA ASN A 137 7.48 -6.86 -13.05
C ASN A 137 7.26 -8.36 -13.33
N LYS A 138 7.88 -9.24 -12.55
CA LYS A 138 7.75 -10.70 -12.77
C LYS A 138 6.31 -11.17 -12.96
N LEU A 139 5.35 -10.51 -12.30
CA LEU A 139 3.92 -10.81 -12.44
C LEU A 139 3.26 -10.07 -13.58
N GLY A 140 4.04 -9.27 -14.32
CA GLY A 140 3.57 -8.54 -15.51
C GLY A 140 2.86 -7.22 -15.22
N ASP A 141 2.92 -6.79 -13.95
CA ASP A 141 2.27 -5.57 -13.53
C ASP A 141 3.10 -4.32 -13.80
N THR A 142 2.45 -3.27 -14.28
CA THR A 142 3.06 -1.96 -14.34
C THR A 142 2.69 -1.15 -13.09
N ALA A 143 3.39 -0.05 -12.87
CA ALA A 143 3.01 0.94 -11.86
C ALA A 143 1.52 1.24 -11.94
N LEU A 144 1.00 1.35 -13.16
CA LEU A 144 -0.42 1.67 -13.40
C LEU A 144 -1.39 0.56 -13.01
N HIS A 145 -0.98 -0.70 -13.16
CA HIS A 145 -1.76 -1.81 -12.66
C HIS A 145 -2.00 -1.65 -11.15
N ALA A 146 -0.90 -1.43 -10.42
CA ALA A 146 -0.92 -1.23 -8.97
C ALA A 146 -1.78 -0.03 -8.49
N ALA A 147 -1.66 1.13 -9.12
CA ALA A 147 -2.48 2.27 -8.74
C ALA A 147 -3.97 2.02 -8.98
N ALA A 148 -4.31 1.29 -10.03
CA ALA A 148 -5.71 0.97 -10.31
C ALA A 148 -6.25 -0.03 -9.31
N TRP A 149 -5.48 -1.10 -9.05
CA TRP A 149 -5.85 -2.12 -8.11
C TRP A 149 -6.13 -1.53 -6.73
N LYS A 150 -5.23 -0.66 -6.28
CA LYS A 150 -5.31 -0.12 -4.93
C LYS A 150 -6.29 1.05 -4.84
N GLY A 151 -6.86 1.45 -5.97
CA GLY A 151 -7.87 2.49 -6.01
C GLY A 151 -7.42 3.94 -5.84
N TYR A 152 -6.19 4.26 -6.27
CA TYR A 152 -5.68 5.65 -6.20
C TYR A 152 -5.92 6.43 -7.49
N ALA A 153 -7.09 7.08 -7.57
CA ALA A 153 -7.53 7.82 -8.78
C ALA A 153 -6.58 8.92 -9.21
N ASP A 154 -6.01 9.63 -8.24
CA ASP A 154 -5.08 10.72 -8.54
C ASP A 154 -3.75 10.20 -9.12
N ILE A 155 -3.29 9.05 -8.63
CA ILE A 155 -2.08 8.44 -9.16
C ILE A 155 -2.35 7.94 -10.57
N VAL A 156 -3.54 7.38 -10.80
CA VAL A 156 -3.91 6.92 -12.15
C VAL A 156 -3.94 8.10 -13.11
N GLN A 157 -4.63 9.17 -12.72
CA GLN A 157 -4.66 10.38 -13.53
C GLN A 157 -3.24 10.79 -13.92
N LEU A 158 -2.35 10.86 -12.92
CA LEU A 158 -0.98 11.37 -13.13
C LEU A 158 -0.18 10.46 -14.04
N LEU A 159 -0.36 9.15 -13.88
CA LEU A 159 0.30 8.20 -14.75
C LEU A 159 -0.14 8.39 -16.21
N LEU A 160 -1.45 8.51 -16.41
CA LEU A 160 -2.01 8.76 -17.73
C LEU A 160 -1.53 10.07 -18.36
N ALA A 161 -1.66 11.17 -17.62
CA ALA A 161 -1.18 12.48 -18.07
C ALA A 161 0.28 12.41 -18.54
N LYS A 162 1.11 11.72 -17.77
CA LYS A 162 2.52 11.58 -18.14
C LYS A 162 2.75 10.62 -19.31
N GLY A 163 1.68 9.95 -19.75
CA GLY A 163 1.71 9.07 -20.92
C GLY A 163 1.97 7.59 -20.65
N ALA A 164 1.57 7.10 -19.48
CA ALA A 164 1.72 5.66 -19.19
C ALA A 164 0.90 4.83 -20.17
N ARG A 165 1.49 3.72 -20.62
CA ARG A 165 0.78 2.79 -21.51
C ARG A 165 -0.40 2.07 -20.83
N THR A 166 -1.51 1.98 -21.55
CA THR A 166 -2.74 1.39 -21.02
C THR A 166 -3.07 0.08 -21.72
N ASP A 167 -2.14 -0.37 -22.57
CA ASP A 167 -2.35 -1.54 -23.40
C ASP A 167 -1.62 -2.77 -22.87
N LEU A 168 -0.77 -2.59 -21.87
CA LEU A 168 0.04 -3.71 -21.37
C LEU A 168 -0.76 -4.67 -20.48
N ARG A 169 -0.51 -5.97 -20.65
CA ARG A 169 -1.25 -7.02 -19.95
C ARG A 169 -0.36 -7.79 -18.96
N ASN A 170 -0.85 -8.03 -17.76
CA ASN A 170 -0.07 -8.79 -16.78
C ASN A 170 -0.14 -10.30 -17.04
N ILE A 171 0.47 -11.09 -16.16
CA ILE A 171 0.55 -12.54 -16.37
C ILE A 171 -0.83 -13.22 -16.44
N GLU A 172 -1.82 -12.63 -15.78
CA GLU A 172 -3.19 -13.13 -15.86
C GLU A 172 -3.94 -12.45 -17.00
N LYS A 173 -3.21 -11.83 -17.91
CA LYS A 173 -3.79 -11.18 -19.09
C LYS A 173 -4.73 -10.03 -18.76
N LYS A 174 -4.49 -9.37 -17.63
CA LYS A 174 -5.37 -8.28 -17.21
C LYS A 174 -4.73 -6.90 -17.44
N LEU A 175 -5.53 -5.99 -17.98
CA LEU A 175 -5.11 -4.61 -18.23
C LEU A 175 -5.22 -3.82 -16.94
N ALA A 176 -4.61 -2.65 -16.92
CA ALA A 176 -4.74 -1.77 -15.74
C ALA A 176 -6.22 -1.55 -15.41
N PHE A 177 -7.04 -1.48 -16.46
CA PHE A 177 -8.48 -1.31 -16.32
C PHE A 177 -9.13 -2.48 -15.59
N ASP A 178 -8.77 -3.70 -15.97
CA ASP A 178 -9.27 -4.93 -15.35
C ASP A 178 -8.87 -5.08 -13.89
N MSE A 179 -8.02 -4.17 -13.41
CA MSE A 179 -7.52 -4.16 -12.04
C MSE A 179 -8.38 -3.25 -11.16
O MSE A 179 -8.43 -3.44 -9.93
CB MSE A 179 -6.07 -3.68 -11.98
CG MSE A 179 -5.11 -4.46 -12.83
SE MSE A 179 -4.82 -6.25 -12.13
CE MSE A 179 -3.31 -5.91 -10.98
N ALA A 180 -9.01 -2.26 -11.79
CA ALA A 180 -9.76 -1.25 -11.04
C ALA A 180 -11.10 -1.78 -10.56
N THR A 181 -11.44 -1.50 -9.30
CA THR A 181 -12.77 -1.80 -8.74
C THR A 181 -13.36 -0.51 -8.20
N ASN A 182 -12.50 0.41 -7.81
CA ASN A 182 -12.89 1.77 -7.46
C ASN A 182 -13.46 2.46 -8.71
N ALA A 183 -14.61 3.12 -8.56
CA ALA A 183 -15.37 3.64 -9.73
C ALA A 183 -14.66 4.75 -10.52
N ALA A 184 -13.95 5.60 -9.81
CA ALA A 184 -13.19 6.68 -10.42
C ALA A 184 -12.01 6.17 -11.22
N CYS A 185 -11.39 5.07 -10.78
CA CYS A 185 -10.27 4.48 -11.49
C CYS A 185 -10.75 3.77 -12.73
N ALA A 186 -11.81 2.98 -12.57
CA ALA A 186 -12.45 2.30 -13.69
C ALA A 186 -12.80 3.30 -14.80
N SER A 187 -13.34 4.45 -14.40
CA SER A 187 -13.77 5.45 -15.35
C SER A 187 -12.60 6.07 -16.07
N LEU A 188 -11.53 6.37 -15.35
CA LEU A 188 -10.31 6.89 -15.98
C LEU A 188 -9.70 5.96 -17.02
N LEU A 189 -9.90 4.66 -16.87
CA LEU A 189 -9.18 3.69 -17.66
C LEU A 189 -9.97 2.99 -18.76
N LYS A 190 -11.28 3.26 -18.86
CA LYS A 190 -12.07 2.70 -19.96
C LYS A 190 -11.95 3.56 -21.22
N LYS A 191 -11.98 2.91 -22.38
CA LYS A 191 -11.87 3.62 -23.68
C LYS A 191 -13.09 4.49 -23.93
N LYS A 192 -12.88 5.75 -24.34
CA LYS A 192 -13.98 6.58 -24.85
C LYS A 192 -14.66 5.82 -26.01
N GLN A 193 -15.91 6.16 -26.30
CA GLN A 193 -16.60 5.50 -27.42
C GLN A 193 -16.26 6.15 -28.77
N GLY B 12 -28.81 -13.76 13.30
CA GLY B 12 -27.88 -14.32 12.27
C GLY B 12 -26.81 -13.34 11.79
N GLN B 13 -25.71 -13.89 11.28
CA GLN B 13 -24.58 -13.08 10.82
C GLN B 13 -24.51 -12.99 9.29
N VAL B 14 -24.41 -11.76 8.78
CA VAL B 14 -24.39 -11.46 7.35
C VAL B 14 -23.28 -12.20 6.58
N LYS B 15 -23.67 -12.93 5.55
CA LYS B 15 -22.72 -13.60 4.66
C LYS B 15 -22.75 -12.99 3.25
N VAL B 16 -21.59 -12.81 2.65
CA VAL B 16 -21.48 -11.97 1.46
C VAL B 16 -21.01 -12.78 0.26
N PHE B 17 -21.56 -12.46 -0.90
CA PHE B 17 -21.35 -13.26 -2.09
C PHE B 17 -21.18 -12.36 -3.30
N ARG B 18 -20.48 -12.88 -4.31
CA ARG B 18 -20.47 -12.29 -5.63
C ARG B 18 -21.24 -13.16 -6.62
N ALA B 19 -22.17 -12.53 -7.32
CA ALA B 19 -22.94 -13.20 -8.38
C ALA B 19 -22.06 -13.55 -9.58
N LEU B 20 -21.94 -14.85 -9.83
CA LEU B 20 -21.24 -15.36 -11.00
C LEU B 20 -22.17 -15.40 -12.23
N TYR B 21 -23.48 -15.51 -11.96
CA TYR B 21 -24.51 -15.50 -13.01
C TYR B 21 -25.67 -14.56 -12.67
N THR B 22 -26.38 -14.11 -13.71
CA THR B 22 -27.57 -13.28 -13.51
C THR B 22 -28.75 -14.14 -13.05
N PHE B 23 -29.58 -13.55 -12.19
CA PHE B 23 -30.79 -14.22 -11.71
C PHE B 23 -32.03 -13.38 -11.94
N GLU B 24 -32.97 -13.94 -12.71
CA GLU B 24 -34.23 -13.28 -13.07
C GLU B 24 -35.31 -13.66 -12.06
N PRO B 25 -35.93 -12.66 -11.41
CA PRO B 25 -37.00 -12.95 -10.44
C PRO B 25 -38.25 -13.55 -11.12
N ARG B 26 -38.78 -14.62 -10.54
CA ARG B 26 -39.99 -15.24 -11.07
C ARG B 26 -41.27 -14.82 -10.32
N THR B 27 -41.10 -14.32 -9.09
CA THR B 27 -42.18 -13.65 -8.34
C THR B 27 -41.72 -12.20 -8.08
N PRO B 28 -42.57 -11.36 -7.45
CA PRO B 28 -42.02 -10.04 -7.11
C PRO B 28 -41.41 -10.00 -5.71
N ASP B 29 -41.46 -11.11 -4.98
CA ASP B 29 -40.75 -11.27 -3.70
C ASP B 29 -39.34 -11.82 -3.92
N GLU B 30 -38.92 -11.95 -5.18
CA GLU B 30 -37.60 -12.46 -5.51
C GLU B 30 -36.64 -11.34 -5.95
N LEU B 31 -35.39 -11.48 -5.51
CA LEU B 31 -34.33 -10.50 -5.74
C LEU B 31 -33.74 -10.61 -7.15
N TYR B 32 -33.60 -9.47 -7.81
CA TYR B 32 -32.92 -9.41 -9.09
C TYR B 32 -31.43 -9.20 -8.83
N ILE B 33 -30.64 -10.09 -9.42
CA ILE B 33 -29.19 -10.10 -9.27
C ILE B 33 -28.49 -10.17 -10.63
N GLU B 34 -27.71 -9.16 -10.95
CA GLU B 34 -26.83 -9.19 -12.12
C GLU B 34 -25.46 -9.75 -11.88
N GLU B 35 -24.92 -10.40 -12.89
CA GLU B 35 -23.62 -11.10 -12.82
C GLU B 35 -22.54 -10.18 -12.26
N GLY B 36 -21.82 -10.54 -11.21
CA GLY B 36 -20.83 -9.61 -10.74
C GLY B 36 -21.26 -8.70 -9.63
N ASP B 37 -22.54 -8.57 -9.43
CA ASP B 37 -23.07 -7.88 -8.25
C ASP B 37 -22.86 -8.64 -6.94
N ILE B 38 -22.98 -7.88 -5.85
CA ILE B 38 -22.66 -8.36 -4.51
C ILE B 38 -23.92 -8.59 -3.71
N ILE B 39 -24.00 -9.75 -3.07
CA ILE B 39 -25.22 -10.20 -2.38
C ILE B 39 -24.96 -10.36 -0.89
N TYR B 40 -25.89 -9.85 -0.08
CA TYR B 40 -25.80 -9.96 1.37
C TYR B 40 -26.93 -10.83 1.95
N ILE B 41 -26.61 -12.11 2.14
CA ILE B 41 -27.54 -13.06 2.72
C ILE B 41 -27.71 -12.80 4.22
N THR B 42 -28.93 -12.43 4.61
CA THR B 42 -29.23 -12.08 6.00
C THR B 42 -29.91 -13.21 6.78
N ASP B 43 -30.51 -14.16 6.08
CA ASP B 43 -31.26 -15.25 6.73
C ASP B 43 -31.19 -16.57 5.97
N MSE B 44 -30.59 -17.58 6.61
CA MSE B 44 -30.33 -18.86 5.98
C MSE B 44 -31.05 -20.04 6.66
O MSE B 44 -30.69 -21.20 6.46
CB MSE B 44 -28.82 -19.14 5.99
CG MSE B 44 -27.95 -18.01 5.45
SE MSE B 44 -26.17 -18.60 4.98
CE MSE B 44 -25.62 -19.37 6.70
N SER B 45 -32.09 -19.71 7.44
CA SER B 45 -32.85 -20.71 8.21
C SER B 45 -33.68 -21.63 7.31
N ASP B 46 -34.55 -21.03 6.50
CA ASP B 46 -35.31 -21.75 5.47
C ASP B 46 -34.32 -22.42 4.52
N THR B 47 -34.55 -23.71 4.27
CA THR B 47 -33.57 -24.55 3.56
C THR B 47 -33.57 -24.37 2.03
N ASN B 48 -34.58 -23.68 1.48
CA ASN B 48 -34.68 -23.48 0.04
C ASN B 48 -34.69 -22.01 -0.41
N TRP B 49 -35.17 -21.13 0.47
CA TRP B 49 -35.21 -19.70 0.15
C TRP B 49 -34.47 -18.85 1.16
N TRP B 50 -33.57 -18.03 0.65
CA TRP B 50 -32.68 -17.20 1.45
C TRP B 50 -32.98 -15.72 1.25
N LYS B 51 -32.97 -14.96 2.35
CA LYS B 51 -33.22 -13.51 2.30
C LYS B 51 -31.90 -12.78 2.06
N GLY B 52 -31.92 -11.89 1.07
CA GLY B 52 -30.72 -11.18 0.65
C GLY B 52 -30.96 -9.74 0.29
N THR B 53 -29.87 -9.03 0.01
CA THR B 53 -29.91 -7.66 -0.44
C THR B 53 -28.91 -7.53 -1.57
N SER B 54 -29.25 -6.74 -2.59
CA SER B 54 -28.35 -6.44 -3.70
C SER B 54 -28.71 -5.13 -4.38
N LYS B 55 -27.71 -4.27 -4.59
CA LYS B 55 -27.90 -2.94 -5.17
C LYS B 55 -29.04 -2.18 -4.47
N GLY B 56 -29.11 -2.32 -3.14
CA GLY B 56 -30.08 -1.59 -2.34
C GLY B 56 -31.45 -2.24 -2.25
N ARG B 57 -31.72 -3.18 -3.15
CA ARG B 57 -32.99 -3.91 -3.13
C ARG B 57 -32.87 -5.14 -2.23
N THR B 58 -33.97 -5.53 -1.62
CA THR B 58 -34.01 -6.68 -0.72
C THR B 58 -35.04 -7.69 -1.20
N GLY B 59 -34.79 -8.98 -1.01
CA GLY B 59 -35.70 -10.01 -1.52
C GLY B 59 -35.26 -11.42 -1.24
N LEU B 60 -35.79 -12.37 -2.02
CA LEU B 60 -35.52 -13.79 -1.83
C LEU B 60 -34.67 -14.37 -2.95
N ILE B 61 -33.95 -15.44 -2.65
CA ILE B 61 -33.00 -16.07 -3.56
C ILE B 61 -32.86 -17.58 -3.26
N PRO B 62 -32.80 -18.44 -4.31
CA PRO B 62 -32.69 -19.88 -4.06
C PRO B 62 -31.33 -20.23 -3.49
N SER B 63 -31.31 -20.88 -2.33
CA SER B 63 -30.07 -21.27 -1.67
C SER B 63 -29.17 -22.06 -2.63
N ASN B 64 -29.81 -22.68 -3.60
CA ASN B 64 -29.09 -23.48 -4.59
C ASN B 64 -28.34 -22.61 -5.61
N TYR B 65 -28.93 -21.48 -5.98
CA TYR B 65 -28.25 -20.47 -6.80
C TYR B 65 -27.02 -19.92 -6.09
N VAL B 66 -27.11 -19.67 -4.79
CA VAL B 66 -26.00 -19.07 -4.03
C VAL B 66 -24.79 -20.01 -3.92
N ALA B 67 -25.05 -21.31 -3.74
CA ALA B 67 -24.00 -22.31 -3.70
C ALA B 67 -23.39 -22.58 -5.08
N GLU B 68 -24.24 -22.65 -6.11
CA GLU B 68 -23.82 -23.04 -7.47
C GLU B 68 -23.44 -21.90 -8.41
N GLN B 69 -24.00 -20.72 -8.19
CA GLN B 69 -23.82 -19.61 -9.14
C GLN B 69 -23.29 -18.33 -8.48
N ALA B 70 -22.75 -18.47 -7.27
CA ALA B 70 -22.18 -17.32 -6.57
C ALA B 70 -20.96 -17.74 -5.75
N GLU B 71 -19.99 -16.85 -5.64
CA GLU B 71 -18.78 -17.13 -4.86
C GLU B 71 -18.80 -16.36 -3.54
N SER B 72 -18.46 -17.04 -2.44
CA SER B 72 -18.42 -16.41 -1.12
C SER B 72 -17.17 -15.53 -0.92
N ILE B 73 -17.36 -14.43 -0.20
CA ILE B 73 -16.30 -13.50 0.16
C ILE B 73 -16.25 -13.47 1.69
N ASP B 74 -15.19 -14.05 2.24
CA ASP B 74 -15.06 -14.18 3.70
C ASP B 74 -14.88 -12.84 4.38
N ASN B 75 -14.10 -11.96 3.75
CA ASN B 75 -13.77 -10.67 4.35
C ASN B 75 -13.98 -9.51 3.36
N PRO B 76 -15.26 -9.18 3.08
CA PRO B 76 -15.58 -8.21 2.04
C PRO B 76 -15.13 -6.79 2.37
N LEU B 77 -15.17 -6.44 3.64
CA LEU B 77 -14.84 -5.08 4.09
C LEU B 77 -13.33 -4.85 3.93
N HIS B 78 -12.55 -5.89 4.19
CA HIS B 78 -11.10 -5.87 4.00
C HIS B 78 -10.76 -5.71 2.52
N GLU B 79 -11.42 -6.51 1.68
CA GLU B 79 -11.24 -6.43 0.23
C GLU B 79 -11.54 -5.00 -0.23
N ALA B 80 -12.65 -4.44 0.23
CA ALA B 80 -12.99 -3.06 -0.09
C ALA B 80 -11.88 -2.07 0.31
N ALA B 81 -11.42 -2.15 1.57
CA ALA B 81 -10.40 -1.22 2.06
C ALA B 81 -9.05 -1.33 1.29
N LYS B 82 -8.60 -2.56 1.02
CA LYS B 82 -7.39 -2.82 0.25
C LYS B 82 -7.39 -2.21 -1.15
N ARG B 83 -8.57 -2.15 -1.78
CA ARG B 83 -8.68 -1.71 -3.16
C ARG B 83 -9.24 -0.29 -3.26
N GLY B 84 -9.28 0.44 -2.15
CA GLY B 84 -9.69 1.84 -2.17
C GLY B 84 -11.12 2.04 -2.65
N ASN B 85 -11.96 1.02 -2.42
CA ASN B 85 -13.35 1.04 -2.87
C ASN B 85 -14.26 1.56 -1.79
N LEU B 86 -14.27 2.88 -1.63
CA LEU B 86 -15.07 3.54 -0.63
C LEU B 86 -16.55 3.13 -0.65
N SER B 87 -17.15 3.05 -1.84
CA SER B 87 -18.58 2.84 -1.90
C SER B 87 -19.00 1.39 -1.68
N TRP B 88 -18.10 0.44 -2.00
CA TRP B 88 -18.32 -0.93 -1.55
C TRP B 88 -18.20 -1.03 -0.03
N LEU B 89 -17.22 -0.33 0.54
CA LEU B 89 -17.08 -0.27 1.99
C LEU B 89 -18.36 0.23 2.62
N ARG B 90 -18.90 1.30 2.06
CA ARG B 90 -20.14 1.87 2.54
C ARG B 90 -21.29 0.87 2.45
N GLU B 91 -21.39 0.19 1.31
CA GLU B 91 -22.45 -0.80 1.13
C GLU B 91 -22.37 -1.89 2.20
N CYS B 92 -21.15 -2.38 2.45
CA CYS B 92 -20.87 -3.41 3.47
C CYS B 92 -21.33 -2.97 4.84
N LEU B 93 -20.99 -1.73 5.19
CA LEU B 93 -21.35 -1.17 6.48
C LEU B 93 -22.87 -1.11 6.65
N ASP B 94 -23.57 -0.63 5.63
CA ASP B 94 -25.04 -0.60 5.61
C ASP B 94 -25.70 -1.98 5.75
N ASN B 95 -25.02 -3.02 5.28
CA ASN B 95 -25.58 -4.37 5.41
C ASN B 95 -24.99 -5.10 6.62
N ARG B 96 -24.63 -4.32 7.63
CA ARG B 96 -24.09 -4.81 8.92
C ARG B 96 -23.03 -5.91 8.84
N VAL B 97 -22.12 -5.80 7.88
CA VAL B 97 -20.85 -6.49 7.97
C VAL B 97 -20.15 -5.82 9.16
N GLY B 98 -19.68 -6.62 10.13
CA GLY B 98 -19.08 -6.08 11.34
C GLY B 98 -17.72 -5.45 11.12
N VAL B 99 -17.54 -4.23 11.64
CA VAL B 99 -16.30 -3.43 11.47
C VAL B 99 -15.01 -4.04 12.03
N ASN B 100 -15.14 -4.95 13.01
CA ASN B 100 -13.99 -5.46 13.76
C ASN B 100 -13.65 -6.90 13.42
N GLY B 101 -14.30 -7.43 12.41
CA GLY B 101 -13.96 -8.76 11.91
C GLY B 101 -12.50 -8.81 11.50
N LEU B 102 -11.91 -10.01 11.62
CA LEU B 102 -10.49 -10.22 11.36
C LEU B 102 -10.31 -11.18 10.21
N ASP B 103 -9.31 -10.90 9.34
CA ASP B 103 -8.92 -11.86 8.32
C ASP B 103 -8.04 -12.96 8.94
N LYS B 104 -7.47 -13.82 8.11
CA LYS B 104 -6.71 -14.96 8.64
C LYS B 104 -5.31 -14.54 9.05
N ALA B 105 -5.00 -13.26 8.88
CA ALA B 105 -3.75 -12.69 9.38
C ALA B 105 -4.03 -11.90 10.64
N GLY B 106 -5.28 -11.91 11.08
CA GLY B 106 -5.67 -11.16 12.27
C GLY B 106 -5.76 -9.64 12.09
N SER B 107 -5.92 -9.21 10.84
CA SER B 107 -6.00 -7.80 10.54
C SER B 107 -7.43 -7.36 10.29
N THR B 108 -7.75 -6.14 10.73
CA THR B 108 -9.06 -5.55 10.53
C THR B 108 -9.11 -4.80 9.22
N ALA B 109 -10.32 -4.38 8.84
CA ALA B 109 -10.49 -3.48 7.71
C ALA B 109 -9.75 -2.17 7.98
N LEU B 110 -9.87 -1.63 9.19
CA LEU B 110 -9.14 -0.40 9.54
C LEU B 110 -7.63 -0.57 9.27
N TYR B 111 -7.08 -1.71 9.67
CA TYR B 111 -5.66 -1.97 9.48
C TYR B 111 -5.27 -1.83 8.01
N TRP B 112 -6.02 -2.45 7.11
CA TRP B 112 -5.79 -2.33 5.67
C TRP B 112 -6.02 -0.92 5.12
N ALA B 113 -7.05 -0.24 5.60
CA ALA B 113 -7.33 1.12 5.18
C ALA B 113 -6.10 2.00 5.45
N CYS B 114 -5.57 1.90 6.67
CA CYS B 114 -4.38 2.60 7.10
C CYS B 114 -3.14 2.13 6.34
N HIS B 115 -3.02 0.83 6.14
CA HIS B 115 -1.89 0.22 5.44
C HIS B 115 -1.76 0.73 4.00
N GLY B 116 -2.87 1.10 3.37
CA GLY B 116 -2.87 1.62 2.02
C GLY B 116 -3.07 3.13 1.99
N GLY B 117 -3.16 3.74 3.16
CA GLY B 117 -3.17 5.20 3.26
C GLY B 117 -4.40 5.85 2.67
N HIS B 118 -5.55 5.16 2.75
CA HIS B 118 -6.79 5.66 2.18
C HIS B 118 -7.57 6.51 3.18
N LYS B 119 -7.31 7.81 3.17
CA LYS B 119 -7.94 8.73 4.14
C LYS B 119 -9.48 8.63 4.23
N ASP B 120 -10.12 8.58 3.07
CA ASP B 120 -11.55 8.32 2.90
C ASP B 120 -12.09 7.16 3.73
N ILE B 121 -11.46 6.00 3.55
CA ILE B 121 -11.94 4.78 4.16
C ILE B 121 -11.74 4.84 5.69
N VAL B 122 -10.63 5.41 6.10
CA VAL B 122 -10.32 5.61 7.52
C VAL B 122 -11.38 6.49 8.20
N GLU B 123 -11.67 7.66 7.62
CA GLU B 123 -12.65 8.58 8.22
C GLU B 123 -14.06 7.99 8.27
N MSE B 124 -14.36 7.16 7.29
CA MSE B 124 -15.59 6.42 7.27
C MSE B 124 -15.66 5.36 8.37
O MSE B 124 -16.62 5.35 9.16
CB MSE B 124 -15.73 5.76 5.92
CG MSE B 124 -16.64 6.55 5.06
SE MSE B 124 -18.37 5.80 5.40
CE MSE B 124 -18.14 4.28 4.18
N LEU B 125 -14.64 4.51 8.42
CA LEU B 125 -14.52 3.53 9.50
C LEU B 125 -14.60 4.20 10.87
N PHE B 126 -14.04 5.40 10.99
CA PHE B 126 -14.15 6.20 12.21
C PHE B 126 -15.58 6.60 12.61
N THR B 127 -16.49 6.76 11.65
CA THR B 127 -17.88 7.12 11.97
C THR B 127 -18.64 5.93 12.56
N GLN B 128 -18.06 4.73 12.45
CA GLN B 128 -18.75 3.53 12.87
C GLN B 128 -18.74 3.34 14.39
N PRO B 129 -19.91 2.92 14.95
CA PRO B 129 -19.94 2.54 16.35
C PRO B 129 -18.98 1.38 16.61
N ASN B 130 -18.34 1.38 17.78
CA ASN B 130 -17.52 0.25 18.28
C ASN B 130 -16.25 -0.07 17.49
N ILE B 131 -15.81 0.85 16.63
CA ILE B 131 -14.62 0.62 15.80
C ILE B 131 -13.39 0.41 16.68
N GLU B 132 -12.68 -0.69 16.47
CA GLU B 132 -11.53 -1.02 17.30
C GLU B 132 -10.23 -0.46 16.71
N LEU B 133 -9.57 0.42 17.46
CA LEU B 133 -8.36 1.08 17.01
C LEU B 133 -7.08 0.28 17.26
N ASN B 134 -7.12 -0.57 18.29
CA ASN B 134 -5.91 -1.10 18.88
C ASN B 134 -5.67 -2.57 18.65
N GLN B 135 -6.45 -3.15 17.75
CA GLN B 135 -6.27 -4.55 17.37
C GLN B 135 -4.88 -4.81 16.85
N GLN B 136 -4.27 -5.87 17.35
CA GLN B 136 -2.96 -6.28 16.91
C GLN B 136 -3.12 -7.51 16.08
N ASN B 137 -2.55 -7.50 14.87
CA ASN B 137 -2.62 -8.69 14.03
C ASN B 137 -1.65 -9.80 14.50
N LYS B 138 -1.49 -10.85 13.72
CA LYS B 138 -0.60 -11.97 14.10
C LYS B 138 0.88 -11.62 14.22
N LEU B 139 1.31 -10.55 13.56
CA LEU B 139 2.67 -10.02 13.74
C LEU B 139 2.75 -8.98 14.84
N GLY B 140 1.63 -8.73 15.51
CA GLY B 140 1.58 -7.76 16.58
C GLY B 140 1.43 -6.32 16.13
N ASP B 141 1.27 -6.10 14.83
CA ASP B 141 1.10 -4.75 14.31
C ASP B 141 -0.31 -4.23 14.49
N THR B 142 -0.41 -2.98 14.89
CA THR B 142 -1.67 -2.25 14.89
C THR B 142 -1.83 -1.50 13.57
N ALA B 143 -3.01 -0.91 13.38
CA ALA B 143 -3.23 0.00 12.26
C ALA B 143 -2.22 1.16 12.28
N LEU B 144 -1.91 1.67 13.47
CA LEU B 144 -0.90 2.73 13.62
C LEU B 144 0.52 2.26 13.22
N HIS B 145 0.87 1.01 13.55
CA HIS B 145 2.16 0.47 13.12
C HIS B 145 2.25 0.56 11.60
N ALA B 146 1.17 0.17 10.92
CA ALA B 146 1.11 0.19 9.45
C ALA B 146 1.25 1.60 8.86
N ALA B 147 0.46 2.56 9.34
CA ALA B 147 0.52 3.94 8.85
C ALA B 147 1.91 4.55 9.02
N ALA B 148 2.49 4.35 10.20
CA ALA B 148 3.83 4.84 10.49
C ALA B 148 4.86 4.28 9.52
N TRP B 149 4.87 2.96 9.38
CA TRP B 149 5.82 2.25 8.53
C TRP B 149 5.74 2.74 7.10
N LYS B 150 4.52 2.96 6.62
CA LYS B 150 4.29 3.35 5.22
C LYS B 150 4.39 4.84 4.96
N GLY B 151 4.59 5.60 6.03
CA GLY B 151 4.82 7.02 5.92
C GLY B 151 3.63 7.90 5.62
N TYR B 152 2.46 7.57 6.17
CA TYR B 152 1.26 8.41 5.96
C TYR B 152 0.97 9.32 7.17
N ALA B 153 1.49 10.55 7.11
CA ALA B 153 1.31 11.52 8.20
C ALA B 153 -0.15 11.80 8.54
N ASP B 154 -1.00 11.92 7.52
CA ASP B 154 -2.41 12.25 7.74
C ASP B 154 -3.15 11.15 8.48
N ILE B 155 -2.87 9.90 8.09
CA ILE B 155 -3.43 8.72 8.76
C ILE B 155 -2.91 8.61 10.19
N VAL B 156 -1.60 8.77 10.39
CA VAL B 156 -1.05 8.79 11.75
C VAL B 156 -1.77 9.86 12.58
N GLN B 157 -1.85 11.08 12.05
CA GLN B 157 -2.49 12.20 12.76
C GLN B 157 -3.94 11.91 13.16
N LEU B 158 -4.69 11.25 12.26
CA LEU B 158 -6.08 10.93 12.51
C LEU B 158 -6.16 9.86 13.55
N LEU B 159 -5.29 8.86 13.43
CA LEU B 159 -5.26 7.77 14.38
C LEU B 159 -4.98 8.27 15.81
N LEU B 160 -4.03 9.18 15.97
CA LEU B 160 -3.73 9.78 17.28
C LEU B 160 -4.89 10.60 17.86
N ALA B 161 -5.44 11.51 17.05
CA ALA B 161 -6.59 12.33 17.45
C ALA B 161 -7.81 11.49 17.84
N LYS B 162 -7.97 10.33 17.21
CA LYS B 162 -9.08 9.47 17.53
C LYS B 162 -8.82 8.64 18.79
N GLY B 163 -7.58 8.66 19.27
CA GLY B 163 -7.21 8.00 20.53
C GLY B 163 -6.46 6.68 20.41
N ALA B 164 -5.93 6.38 19.23
CA ALA B 164 -5.14 5.13 19.06
C ALA B 164 -4.00 5.06 20.08
N ARG B 165 -3.77 3.87 20.65
CA ARG B 165 -2.68 3.64 21.59
C ARG B 165 -1.30 3.63 20.93
N THR B 166 -0.34 4.27 21.59
CA THR B 166 1.05 4.34 21.12
C THR B 166 1.99 3.48 21.95
N ASP B 167 1.45 2.71 22.90
CA ASP B 167 2.30 1.93 23.80
C ASP B 167 2.43 0.48 23.39
N LEU B 168 1.67 0.06 22.36
CA LEU B 168 1.67 -1.34 21.94
C LEU B 168 2.89 -1.74 21.09
N ARG B 169 3.35 -2.98 21.28
CA ARG B 169 4.57 -3.49 20.66
C ARG B 169 4.31 -4.72 19.80
N ASN B 170 4.93 -4.79 18.63
CA ASN B 170 4.77 -5.96 17.77
C ASN B 170 5.63 -7.14 18.23
N ILE B 171 5.69 -8.20 17.42
CA ILE B 171 6.48 -9.38 17.78
C ILE B 171 7.98 -9.11 17.77
N GLU B 172 8.40 -8.01 17.13
CA GLU B 172 9.80 -7.57 17.14
C GLU B 172 10.03 -6.50 18.23
N LYS B 173 9.04 -6.36 19.11
CA LYS B 173 9.06 -5.41 20.23
C LYS B 173 9.13 -3.93 19.79
N LYS B 174 8.64 -3.65 18.59
CA LYS B 174 8.69 -2.30 18.04
C LYS B 174 7.37 -1.58 18.26
N LEU B 175 7.47 -0.34 18.72
CA LEU B 175 6.33 0.56 18.82
C LEU B 175 6.04 1.11 17.42
N ALA B 176 4.85 1.67 17.23
CA ALA B 176 4.52 2.41 16.01
C ALA B 176 5.61 3.43 15.69
N PHE B 177 6.12 4.10 16.73
CA PHE B 177 7.16 5.09 16.56
C PHE B 177 8.38 4.49 15.89
N ASP B 178 8.76 3.30 16.35
CA ASP B 178 9.92 2.60 15.81
C ASP B 178 9.76 2.23 14.33
N MSE B 179 8.52 2.27 13.82
CA MSE B 179 8.24 1.91 12.44
C MSE B 179 8.45 3.07 11.47
O MSE B 179 8.69 2.86 10.27
CB MSE B 179 6.81 1.36 12.31
CG MSE B 179 6.48 0.28 13.30
SE MSE B 179 7.26 -1.39 12.79
CE MSE B 179 5.78 -2.12 11.74
N ALA B 180 8.37 4.29 12.00
CA ALA B 180 8.41 5.51 11.20
C ALA B 180 9.80 5.87 10.64
N THR B 181 9.89 6.03 9.33
CA THR B 181 11.07 6.65 8.71
C THR B 181 10.68 7.98 8.07
N ASN B 182 9.40 8.12 7.72
CA ASN B 182 8.86 9.39 7.26
C ASN B 182 9.03 10.40 8.39
N ALA B 183 9.78 11.47 8.12
CA ALA B 183 10.16 12.43 9.17
C ALA B 183 8.94 12.99 9.87
N ALA B 184 7.89 13.29 9.10
CA ALA B 184 6.67 13.82 9.67
C ALA B 184 5.97 12.81 10.60
N CYS B 185 5.94 11.53 10.20
CA CYS B 185 5.30 10.49 11.00
C CYS B 185 6.03 10.30 12.31
N ALA B 186 7.36 10.35 12.27
CA ALA B 186 8.14 10.20 13.50
C ALA B 186 7.95 11.38 14.45
N SER B 187 7.86 12.62 13.94
CA SER B 187 7.60 13.80 14.79
C SER B 187 6.25 13.71 15.47
N LEU B 188 5.22 13.33 14.71
CA LEU B 188 3.89 13.12 15.28
C LEU B 188 3.91 12.09 16.41
N LEU B 189 4.70 11.03 16.23
CA LEU B 189 4.71 9.91 17.14
C LEU B 189 5.69 10.07 18.30
N LYS B 190 6.68 10.96 18.14
CA LYS B 190 7.64 11.24 19.21
C LYS B 190 7.04 12.02 20.38
N LYS B 191 6.12 12.95 20.09
CA LYS B 191 5.53 13.82 21.15
C LYS B 191 4.74 12.99 22.19
N LYS B 192 4.06 11.96 21.69
CA LYS B 192 3.51 10.87 22.53
C LYS B 192 4.69 9.98 22.96
C1 EDO C . -1.69 -7.29 -5.92
O1 EDO C . -2.29 -8.56 -6.27
C2 EDO C . -1.20 -6.55 -7.16
O2 EDO C . -1.22 -5.14 -6.94
C1 EDO D . 4.90 -4.37 6.47
O1 EDO D . 5.91 -5.35 6.20
C2 EDO D . 4.99 -3.89 7.91
O2 EDO D . 3.85 -3.06 8.19
#